data_1H3U
#
_entry.id   1H3U
#
_cell.length_a   49.480
_cell.length_b   79.630
_cell.length_c   143.860
_cell.angle_alpha   90.00
_cell.angle_beta   90.00
_cell.angle_gamma   90.00
#
_symmetry.space_group_name_H-M   'P 21 21 21'
#
loop_
_entity.id
_entity.type
_entity.pdbx_description
1 polymer 'IG GAMMA-1 CHAIN C REGION'
2 branched alpha-D-mannopyranose-(1-3)-[alpha-D-mannopyranose-(1-6)]beta-D-mannopyranose-(1-4)-2-acetamido-2-deoxy-beta-D-glucopyranose-(1-4)-[beta-L-fucopyranose-(1-6)]2-acetamido-2-deoxy-beta-D-glucopyranose
3 branched beta-D-mannopyranose-(1-3)-[alpha-D-mannopyranose-(1-6)]beta-D-mannopyranose-(1-4)-2-acetamido-2-deoxy-beta-D-glucopyranose-(1-4)-[beta-L-fucopyranose-(1-6)]2-acetamido-2-deoxy-beta-D-glucopyranose
4 water water
#
_entity_poly.entity_id   1
_entity_poly.type   'polypeptide(L)'
_entity_poly.pdbx_seq_one_letter_code
;TCPPCPAPELLGGPSVFLFPPKPKDTLMISRTPEVTCVVVDVSHEDPQVKFNWYVDGVQVHNAKTKPREQQYNSTYRVVS
VLTVLHQNWLDGKEYKCKVSNKALPAPIEKTISKAKGQPREPQVYTLPPSREEMTKNQVSLTCLVKGFYPSDIAVEWESN
GQPENNYKTTPPVLDSDGSFFLYSKLTVDKSRWQQGNVFSCSVMHEALHNHYTQKSLSLSPGK
;
_entity_poly.pdbx_strand_id   A,B
#
loop_
_chem_comp.id
_chem_comp.type
_chem_comp.name
_chem_comp.formula
BMA D-saccharide, beta linking beta-D-mannopyranose 'C6 H12 O6'
FUL L-saccharide, beta linking beta-L-fucopyranose 'C6 H12 O5'
MAN D-saccharide, alpha linking alpha-D-mannopyranose 'C6 H12 O6'
NAG D-saccharide, beta linking 2-acetamido-2-deoxy-beta-D-glucopyranose 'C8 H15 N O6'
#
# COMPACT_ATOMS: atom_id res chain seq x y z
N PRO A 14 18.34 18.70 -9.97
CA PRO A 14 16.91 19.13 -10.04
C PRO A 14 16.00 17.93 -10.31
N SER A 15 15.01 17.73 -9.44
CA SER A 15 14.07 16.63 -9.60
C SER A 15 12.64 17.16 -9.74
N VAL A 16 11.89 16.57 -10.67
CA VAL A 16 10.50 16.97 -10.91
C VAL A 16 9.51 15.89 -10.50
N PHE A 17 8.44 16.28 -9.82
CA PHE A 17 7.41 15.33 -9.41
C PHE A 17 6.06 15.82 -9.90
N LEU A 18 5.32 14.94 -10.58
CA LEU A 18 4.01 15.26 -11.13
C LEU A 18 2.91 14.53 -10.36
N PHE A 19 1.96 15.28 -9.78
CA PHE A 19 0.89 14.71 -8.99
C PHE A 19 -0.46 14.79 -9.67
N PRO A 20 -1.24 13.71 -9.60
CA PRO A 20 -2.56 13.70 -10.23
C PRO A 20 -3.57 14.34 -9.31
N PRO A 21 -4.78 14.59 -9.81
CA PRO A 21 -5.83 15.20 -9.01
C PRO A 21 -6.34 14.23 -7.95
N LYS A 22 -6.97 14.74 -6.91
CA LYS A 22 -7.51 13.88 -5.89
C LYS A 22 -8.71 13.23 -6.57
N PRO A 23 -8.85 11.91 -6.42
CA PRO A 23 -9.91 11.09 -7.00
C PRO A 23 -11.29 11.69 -6.91
N LYS A 24 -11.54 12.31 -5.77
CA LYS A 24 -12.82 12.91 -5.49
C LYS A 24 -13.03 14.19 -6.29
N ASP A 25 -11.95 14.85 -6.68
CA ASP A 25 -12.07 16.10 -7.45
C ASP A 25 -12.50 15.88 -8.90
N THR A 26 -12.11 14.74 -9.48
CA THR A 26 -12.47 14.47 -10.86
C THR A 26 -13.90 13.95 -11.00
N LEU A 27 -14.48 13.52 -9.88
CA LEU A 27 -15.82 12.93 -9.88
C LEU A 27 -16.97 13.89 -9.62
N MET A 28 -16.67 15.07 -9.10
CA MET A 28 -17.69 16.06 -8.80
C MET A 28 -17.41 17.31 -9.59
N ILE A 29 -18.37 17.72 -10.40
CA ILE A 29 -18.21 18.89 -11.25
C ILE A 29 -17.95 20.15 -10.43
N SER A 30 -18.51 20.19 -9.22
CA SER A 30 -18.37 21.33 -8.34
C SER A 30 -16.99 21.43 -7.73
N ARG A 31 -16.22 20.34 -7.77
CA ARG A 31 -14.89 20.38 -7.20
C ARG A 31 -13.88 20.78 -8.25
N THR A 32 -12.69 21.16 -7.81
CA THR A 32 -11.63 21.61 -8.70
C THR A 32 -10.45 20.66 -8.80
N PRO A 33 -10.50 19.72 -9.75
CA PRO A 33 -9.42 18.76 -9.93
C PRO A 33 -8.17 19.46 -10.49
N GLU A 34 -7.00 19.11 -9.97
CA GLU A 34 -5.78 19.74 -10.48
C GLU A 34 -4.57 18.81 -10.55
N VAL A 35 -3.71 19.11 -11.51
CA VAL A 35 -2.48 18.36 -11.73
C VAL A 35 -1.38 19.30 -11.25
N THR A 36 -0.58 18.83 -10.30
CA THR A 36 0.46 19.65 -9.70
C THR A 36 1.89 19.24 -10.07
N CYS A 37 2.65 20.19 -10.59
CA CYS A 37 4.02 19.92 -10.98
C CYS A 37 4.97 20.62 -10.03
N VAL A 38 5.71 19.82 -9.28
CA VAL A 38 6.65 20.33 -8.31
C VAL A 38 8.09 20.01 -8.68
N VAL A 39 8.95 21.03 -8.61
CA VAL A 39 10.37 20.83 -8.90
C VAL A 39 11.17 21.18 -7.65
N VAL A 40 12.15 20.34 -7.32
CA VAL A 40 13.00 20.57 -6.16
C VAL A 40 14.47 20.51 -6.57
N ASP A 41 15.35 20.88 -5.63
CA ASP A 41 16.78 20.88 -5.90
C ASP A 41 17.04 21.88 -7.02
N VAL A 42 16.29 22.97 -7.03
CA VAL A 42 16.54 23.98 -8.04
C VAL A 42 17.74 24.75 -7.52
N SER A 43 18.70 25.01 -8.38
CA SER A 43 19.92 25.74 -8.04
C SER A 43 19.66 26.99 -7.20
N HIS A 44 20.35 27.10 -6.07
CA HIS A 44 20.17 28.27 -5.23
C HIS A 44 20.77 29.50 -5.92
N GLU A 45 21.63 29.23 -6.90
CA GLU A 45 22.31 30.26 -7.65
C GLU A 45 21.52 30.72 -8.87
N ASP A 46 20.88 29.77 -9.54
CA ASP A 46 20.09 30.11 -10.72
C ASP A 46 18.69 29.51 -10.59
N PRO A 47 17.84 30.11 -9.72
CA PRO A 47 16.47 29.70 -9.42
C PRO A 47 15.40 29.97 -10.48
N GLN A 48 15.78 30.56 -11.61
CA GLN A 48 14.81 30.82 -12.66
C GLN A 48 14.36 29.52 -13.27
N VAL A 49 13.09 29.19 -13.07
CA VAL A 49 12.53 27.97 -13.62
C VAL A 49 11.43 28.32 -14.61
N LYS A 50 11.41 27.60 -15.74
CA LYS A 50 10.41 27.82 -16.77
C LYS A 50 9.52 26.60 -16.91
N PHE A 51 8.20 26.79 -16.84
CA PHE A 51 7.23 25.68 -16.99
C PHE A 51 6.43 25.74 -18.29
N ASN A 52 6.26 24.60 -18.93
CA ASN A 52 5.44 24.48 -20.15
C ASN A 52 4.52 23.30 -19.89
N TRP A 53 3.21 23.47 -20.14
CA TRP A 53 2.27 22.39 -19.94
C TRP A 53 1.66 21.95 -21.25
N TYR A 54 1.36 20.66 -21.36
CA TYR A 54 0.76 20.15 -22.57
C TYR A 54 -0.32 19.15 -22.22
N VAL A 55 -1.38 19.16 -23.01
CA VAL A 55 -2.48 18.23 -22.81
C VAL A 55 -2.54 17.47 -24.13
N ASP A 56 -2.14 16.21 -24.11
CA ASP A 56 -2.11 15.39 -25.30
C ASP A 56 -1.16 15.98 -26.32
N GLY A 57 -0.04 16.48 -25.80
CA GLY A 57 1.00 17.09 -26.62
C GLY A 57 0.75 18.53 -27.03
N VAL A 58 -0.38 19.11 -26.64
CA VAL A 58 -0.65 20.48 -27.06
C VAL A 58 -0.65 21.59 -26.02
N GLN A 59 -0.11 22.72 -26.46
CA GLN A 59 0.01 24.01 -25.76
C GLN A 59 1.34 24.42 -25.12
N VAL A 60 2.38 24.53 -25.95
CA VAL A 60 3.71 24.97 -25.49
C VAL A 60 3.44 26.37 -24.96
N HIS A 61 2.57 27.04 -25.72
CA HIS A 61 2.09 28.41 -25.51
C HIS A 61 1.37 28.68 -24.19
N ASN A 62 2.13 29.12 -23.19
CA ASN A 62 1.62 29.42 -21.87
C ASN A 62 0.11 29.55 -21.87
N ALA A 63 -0.55 28.75 -21.04
CA ALA A 63 -1.98 28.79 -20.94
C ALA A 63 -2.31 29.09 -19.50
N LYS A 64 -3.32 28.39 -18.99
CA LYS A 64 -3.78 28.54 -17.62
C LYS A 64 -2.59 28.41 -16.68
N THR A 65 -2.51 27.33 -15.89
CA THR A 65 -1.35 27.16 -15.02
C THR A 65 -1.18 28.27 -13.96
N LYS A 66 -0.21 28.09 -13.07
CA LYS A 66 0.07 29.07 -12.01
C LYS A 66 1.20 28.64 -11.07
N PRO A 67 2.39 29.28 -11.17
CA PRO A 67 3.57 29.00 -10.33
C PRO A 67 3.66 29.93 -9.11
N ARG A 68 4.76 29.87 -8.34
CA ARG A 68 4.92 30.70 -7.13
C ARG A 68 6.37 30.91 -6.63
N GLU A 69 6.96 29.83 -6.11
CA GLU A 69 8.34 29.73 -5.59
C GLU A 69 8.46 29.65 -4.07
N GLN A 70 9.67 29.26 -3.60
CA GLN A 70 9.94 29.12 -2.17
C GLN A 70 11.33 28.51 -1.85
N GLN A 71 12.12 29.23 -1.06
CA GLN A 71 13.49 28.83 -0.68
C GLN A 71 13.54 27.75 0.42
N TYR A 72 14.49 26.82 0.33
CA TYR A 72 14.60 25.74 1.32
C TYR A 72 15.94 25.56 2.04
N ASN A 73 16.41 24.31 2.13
CA ASN A 73 17.68 23.98 2.77
C ASN A 73 18.81 24.85 2.21
N SER A 74 19.22 24.53 1.00
CA SER A 74 20.28 25.25 0.29
C SER A 74 19.85 25.30 -1.17
N THR A 75 18.55 25.16 -1.38
CA THR A 75 17.96 25.15 -2.71
C THR A 75 16.61 25.84 -2.77
N TYR A 76 15.99 25.74 -3.94
CA TYR A 76 14.68 26.31 -4.19
C TYR A 76 13.71 25.21 -4.59
N ARG A 77 12.43 25.49 -4.40
CA ARG A 77 11.35 24.58 -4.73
C ARG A 77 10.35 25.44 -5.45
N VAL A 78 9.88 24.97 -6.61
CA VAL A 78 8.89 25.73 -7.36
C VAL A 78 7.70 24.82 -7.73
N VAL A 79 6.49 25.33 -7.58
CA VAL A 79 5.31 24.55 -7.87
C VAL A 79 4.37 25.24 -8.85
N SER A 80 3.90 24.47 -9.83
CA SER A 80 2.98 24.97 -10.83
C SER A 80 1.74 24.06 -10.78
N VAL A 81 0.56 24.67 -10.79
CA VAL A 81 -0.67 23.90 -10.73
C VAL A 81 -1.54 24.14 -11.94
N LEU A 82 -1.95 23.06 -12.59
CA LEU A 82 -2.81 23.15 -13.76
C LEU A 82 -4.17 22.57 -13.47
N THR A 83 -5.19 23.41 -13.59
CA THR A 83 -6.57 22.98 -13.38
C THR A 83 -6.93 22.15 -14.58
N VAL A 84 -7.51 20.99 -14.33
CA VAL A 84 -7.91 20.12 -15.42
C VAL A 84 -9.41 20.02 -15.45
N LEU A 85 -9.93 19.77 -16.64
CA LEU A 85 -11.36 19.61 -16.83
C LEU A 85 -11.70 18.18 -16.45
N HIS A 86 -12.80 18.00 -15.72
CA HIS A 86 -13.24 16.69 -15.28
C HIS A 86 -13.28 15.67 -16.41
N GLN A 87 -14.05 15.94 -17.46
CA GLN A 87 -14.16 15.01 -18.57
C GLN A 87 -12.86 14.77 -19.32
N ASN A 88 -11.99 15.77 -19.33
CA ASN A 88 -10.71 15.64 -20.01
C ASN A 88 -9.94 14.53 -19.30
N TRP A 89 -9.92 14.60 -17.98
CA TRP A 89 -9.21 13.60 -17.21
C TRP A 89 -9.85 12.23 -17.37
N LEU A 90 -11.16 12.18 -17.23
CA LEU A 90 -11.86 10.91 -17.34
C LEU A 90 -11.77 10.31 -18.74
N ASP A 91 -11.47 11.14 -19.74
CA ASP A 91 -11.33 10.64 -21.11
C ASP A 91 -9.89 10.25 -21.41
N GLY A 92 -9.06 10.20 -20.37
CA GLY A 92 -7.67 9.79 -20.53
C GLY A 92 -6.67 10.71 -21.20
N LYS A 93 -6.86 12.02 -21.09
CA LYS A 93 -5.91 12.94 -21.69
C LYS A 93 -4.66 13.00 -20.86
N GLU A 94 -3.52 13.10 -21.53
CA GLU A 94 -2.23 13.16 -20.85
C GLU A 94 -1.79 14.58 -20.54
N TYR A 95 -1.27 14.75 -19.33
CA TYR A 95 -0.79 16.03 -18.90
C TYR A 95 0.70 15.96 -18.78
N LYS A 96 1.37 16.77 -19.57
CA LYS A 96 2.82 16.81 -19.56
C LYS A 96 3.34 18.10 -18.94
N CYS A 97 4.29 17.96 -18.02
CA CYS A 97 4.94 19.10 -17.38
C CYS A 97 6.39 19.11 -17.85
N LYS A 98 6.79 20.22 -18.46
CA LYS A 98 8.14 20.40 -18.95
C LYS A 98 8.75 21.46 -18.05
N VAL A 99 9.94 21.19 -17.54
CA VAL A 99 10.63 22.12 -16.66
C VAL A 99 12.01 22.46 -17.17
N SER A 100 12.26 23.76 -17.33
CA SER A 100 13.57 24.19 -17.82
C SER A 100 14.30 25.09 -16.83
N ASN A 101 15.61 24.95 -16.78
CA ASN A 101 16.46 25.73 -15.89
C ASN A 101 17.82 25.82 -16.58
N LYS A 102 18.41 27.01 -16.58
CA LYS A 102 19.70 27.22 -17.23
C LYS A 102 20.81 26.35 -16.66
N ALA A 103 20.71 26.03 -15.37
CA ALA A 103 21.70 25.20 -14.70
C ALA A 103 21.38 23.72 -14.94
N LEU A 104 20.77 23.44 -16.08
CA LEU A 104 20.40 22.07 -16.43
C LEU A 104 20.72 21.87 -17.90
N PRO A 105 21.19 20.67 -18.26
CA PRO A 105 21.53 20.40 -19.67
C PRO A 105 20.27 20.56 -20.52
N ALA A 106 19.34 19.63 -20.33
CA ALA A 106 18.09 19.62 -21.06
C ALA A 106 16.87 19.64 -20.13
N PRO A 107 15.76 20.20 -20.60
CA PRO A 107 14.52 20.31 -19.84
C PRO A 107 14.03 18.94 -19.36
N ILE A 108 13.40 18.90 -18.19
CA ILE A 108 12.87 17.65 -17.65
C ILE A 108 11.38 17.53 -17.93
N GLU A 109 10.98 16.39 -18.49
CA GLU A 109 9.57 16.16 -18.80
C GLU A 109 8.95 15.02 -17.99
N LYS A 110 7.72 15.25 -17.56
CA LYS A 110 6.96 14.27 -16.80
C LYS A 110 5.53 14.34 -17.32
N THR A 111 4.89 13.19 -17.47
CA THR A 111 3.52 13.17 -17.97
C THR A 111 2.70 12.28 -17.06
N ILE A 112 1.41 12.59 -16.94
CA ILE A 112 0.53 11.79 -16.10
C ILE A 112 -0.89 11.77 -16.66
N SER A 113 -1.56 10.65 -16.47
CA SER A 113 -2.93 10.47 -16.94
C SER A 113 -3.60 9.40 -16.10
N LYS A 114 -4.88 9.19 -16.33
CA LYS A 114 -5.62 8.17 -15.63
C LYS A 114 -5.04 6.86 -16.11
N ALA A 115 -5.01 5.86 -15.25
CA ALA A 115 -4.47 4.57 -15.64
C ALA A 115 -5.30 4.05 -16.83
N LYS A 116 -4.63 3.47 -17.81
CA LYS A 116 -5.30 2.96 -19.01
C LYS A 116 -6.03 1.65 -18.76
N GLY A 117 -7.11 1.42 -19.50
CA GLY A 117 -7.89 0.21 -19.36
C GLY A 117 -9.35 0.58 -19.32
N GLN A 118 -10.24 -0.41 -19.34
CA GLN A 118 -11.68 -0.12 -19.31
C GLN A 118 -12.21 -0.02 -17.88
N PRO A 119 -12.96 1.07 -17.58
CA PRO A 119 -13.50 1.21 -16.22
C PRO A 119 -14.42 0.03 -15.88
N ARG A 120 -14.33 -0.42 -14.63
CA ARG A 120 -15.15 -1.52 -14.17
C ARG A 120 -15.90 -0.99 -12.97
N GLU A 121 -17.18 -1.31 -12.88
CA GLU A 121 -17.98 -0.81 -11.77
C GLU A 121 -17.69 -1.51 -10.46
N PRO A 122 -17.45 -0.72 -9.41
CA PRO A 122 -17.17 -1.26 -8.08
C PRO A 122 -18.37 -1.90 -7.42
N GLN A 123 -18.15 -3.05 -6.78
CA GLN A 123 -19.20 -3.76 -6.05
C GLN A 123 -18.98 -3.43 -4.58
N VAL A 124 -20.01 -2.88 -3.95
CA VAL A 124 -19.94 -2.49 -2.55
C VAL A 124 -20.81 -3.38 -1.65
N TYR A 125 -20.23 -3.90 -0.58
CA TYR A 125 -20.93 -4.75 0.36
C TYR A 125 -20.53 -4.38 1.77
N THR A 126 -21.51 -4.26 2.65
CA THR A 126 -21.23 -3.93 4.03
C THR A 126 -21.23 -5.24 4.80
N LEU A 127 -20.33 -5.34 5.78
CA LEU A 127 -20.20 -6.55 6.57
C LEU A 127 -20.25 -6.18 8.04
N PRO A 128 -21.22 -6.74 8.78
CA PRO A 128 -21.33 -6.44 10.21
C PRO A 128 -20.14 -7.03 10.96
N PRO A 129 -19.92 -6.60 12.20
CA PRO A 129 -18.78 -7.14 12.96
C PRO A 129 -18.99 -8.60 13.34
N SER A 130 -17.90 -9.34 13.50
CA SER A 130 -17.97 -10.75 13.89
C SER A 130 -18.57 -10.89 15.29
N ARG A 131 -19.30 -11.98 15.52
CA ARG A 131 -19.90 -12.15 16.85
C ARG A 131 -18.86 -12.21 17.95
N GLU A 132 -17.69 -12.73 17.62
CA GLU A 132 -16.61 -12.85 18.60
C GLU A 132 -16.09 -11.48 19.02
N GLU A 133 -16.27 -10.49 18.17
CA GLU A 133 -15.79 -9.14 18.48
C GLU A 133 -16.72 -8.39 19.42
N MET A 134 -17.92 -8.92 19.62
CA MET A 134 -18.91 -8.30 20.48
C MET A 134 -18.53 -8.23 21.97
N THR A 135 -17.52 -9.00 22.38
CA THR A 135 -17.08 -8.98 23.76
C THR A 135 -16.28 -7.71 24.00
N LYS A 136 -15.91 -7.03 22.92
CA LYS A 136 -15.13 -5.78 23.01
C LYS A 136 -16.05 -4.58 23.20
N ASN A 137 -15.45 -3.46 23.59
CA ASN A 137 -16.19 -2.23 23.82
C ASN A 137 -16.43 -1.44 22.53
N GLN A 138 -15.62 -1.74 21.51
CA GLN A 138 -15.76 -1.11 20.20
C GLN A 138 -15.77 -2.20 19.12
N VAL A 139 -16.64 -2.07 18.13
CA VAL A 139 -16.74 -3.06 17.05
C VAL A 139 -16.34 -2.53 15.67
N SER A 140 -16.17 -3.45 14.72
CA SER A 140 -15.76 -3.11 13.36
C SER A 140 -16.85 -3.30 12.29
N LEU A 141 -17.20 -2.21 11.61
CA LEU A 141 -18.21 -2.26 10.55
C LEU A 141 -17.41 -2.23 9.24
N THR A 142 -17.53 -3.30 8.46
CA THR A 142 -16.78 -3.42 7.24
C THR A 142 -17.48 -3.19 5.91
N CYS A 143 -16.81 -2.40 5.07
CA CYS A 143 -17.29 -2.06 3.75
C CYS A 143 -16.30 -2.65 2.79
N LEU A 144 -16.78 -3.53 1.92
CA LEU A 144 -15.91 -4.15 0.95
C LEU A 144 -16.21 -3.55 -0.40
N VAL A 145 -15.16 -3.13 -1.11
CA VAL A 145 -15.31 -2.54 -2.43
C VAL A 145 -14.39 -3.35 -3.33
N LYS A 146 -14.97 -4.03 -4.31
CA LYS A 146 -14.21 -4.87 -5.23
C LYS A 146 -14.63 -4.74 -6.70
N GLY A 147 -13.83 -5.33 -7.58
CA GLY A 147 -14.13 -5.31 -8.99
C GLY A 147 -14.09 -3.95 -9.67
N PHE A 148 -13.40 -2.97 -9.07
CA PHE A 148 -13.34 -1.65 -9.70
C PHE A 148 -12.04 -1.38 -10.43
N TYR A 149 -12.12 -0.45 -11.38
CA TYR A 149 -10.98 -0.04 -12.19
C TYR A 149 -11.32 1.27 -12.88
N PRO A 150 -10.39 2.24 -12.91
CA PRO A 150 -9.04 2.21 -12.33
C PRO A 150 -9.10 2.16 -10.81
N SER A 151 -7.95 2.35 -10.17
CA SER A 151 -7.87 2.31 -8.72
C SER A 151 -8.28 3.62 -8.04
N ASP A 152 -8.44 4.69 -8.81
CA ASP A 152 -8.86 5.96 -8.23
C ASP A 152 -10.26 5.79 -7.64
N ILE A 153 -10.42 6.09 -6.37
CA ILE A 153 -11.70 5.89 -5.73
C ILE A 153 -11.77 6.62 -4.39
N ALA A 154 -12.97 6.92 -3.92
CA ALA A 154 -13.16 7.61 -2.65
C ALA A 154 -14.18 6.87 -1.79
N VAL A 155 -13.85 6.65 -0.53
CA VAL A 155 -14.75 5.96 0.39
C VAL A 155 -14.90 6.72 1.69
N GLU A 156 -16.13 6.82 2.16
CA GLU A 156 -16.39 7.52 3.41
C GLU A 156 -17.52 6.82 4.15
N TRP A 157 -17.71 7.20 5.41
CA TRP A 157 -18.76 6.64 6.24
C TRP A 157 -19.69 7.72 6.76
N GLU A 158 -20.86 7.28 7.22
CA GLU A 158 -21.89 8.17 7.76
C GLU A 158 -22.89 7.35 8.58
N SER A 159 -23.49 7.95 9.59
CA SER A 159 -24.48 7.25 10.39
C SER A 159 -25.86 7.80 10.07
N ASN A 160 -26.02 9.10 10.23
CA ASN A 160 -27.28 9.75 9.92
C ASN A 160 -26.98 10.53 8.66
N GLY A 161 -26.74 11.82 8.83
CA GLY A 161 -26.38 12.67 7.72
C GLY A 161 -24.95 13.06 8.00
N GLN A 162 -24.62 13.07 9.30
CA GLN A 162 -23.30 13.42 9.76
C GLN A 162 -22.25 12.40 9.33
N PRO A 163 -21.04 12.88 9.01
CA PRO A 163 -19.96 11.98 8.59
C PRO A 163 -19.36 11.32 9.81
N GLU A 164 -18.97 10.07 9.67
CA GLU A 164 -18.32 9.34 10.76
C GLU A 164 -16.83 9.52 10.45
N ASN A 165 -16.01 9.77 11.45
CA ASN A 165 -14.61 9.99 11.15
C ASN A 165 -13.64 8.94 11.66
N ASN A 166 -14.09 8.10 12.59
CA ASN A 166 -13.18 7.07 13.12
C ASN A 166 -13.09 5.86 12.21
N TYR A 167 -12.70 6.07 10.96
CA TYR A 167 -12.56 4.96 10.04
C TYR A 167 -11.22 4.97 9.34
N LYS A 168 -10.83 3.81 8.82
CA LYS A 168 -9.57 3.65 8.10
C LYS A 168 -9.86 2.81 6.88
N THR A 169 -9.19 3.13 5.79
CA THR A 169 -9.41 2.40 4.55
C THR A 169 -8.07 1.98 3.99
N THR A 170 -7.99 0.72 3.59
CA THR A 170 -6.76 0.19 3.04
C THR A 170 -6.60 0.74 1.63
N PRO A 171 -5.36 0.72 1.12
CA PRO A 171 -5.13 1.21 -0.23
C PRO A 171 -5.73 0.15 -1.15
N PRO A 172 -5.98 0.48 -2.43
CA PRO A 172 -6.55 -0.56 -3.29
C PRO A 172 -5.56 -1.68 -3.55
N VAL A 173 -6.07 -2.88 -3.76
CA VAL A 173 -5.22 -4.03 -4.01
C VAL A 173 -5.54 -4.65 -5.36
N LEU A 174 -4.51 -4.92 -6.14
CA LEU A 174 -4.70 -5.52 -7.45
C LEU A 174 -5.25 -6.95 -7.25
N ASP A 175 -6.37 -7.25 -7.89
CA ASP A 175 -6.98 -8.56 -7.74
C ASP A 175 -6.61 -9.47 -8.92
N SER A 176 -7.03 -10.73 -8.87
CA SER A 176 -6.72 -11.69 -9.92
C SER A 176 -7.29 -11.32 -11.28
N ASP A 177 -8.54 -10.88 -11.32
CA ASP A 177 -9.16 -10.53 -12.58
C ASP A 177 -8.58 -9.25 -13.20
N GLY A 178 -7.63 -8.63 -12.53
CA GLY A 178 -7.04 -7.40 -13.05
C GLY A 178 -7.69 -6.14 -12.48
N SER A 179 -8.79 -6.32 -11.76
CA SER A 179 -9.50 -5.22 -11.12
C SER A 179 -8.91 -5.01 -9.72
N PHE A 180 -9.40 -4.01 -9.01
CA PHE A 180 -8.88 -3.71 -7.69
C PHE A 180 -9.96 -3.86 -6.63
N PHE A 181 -9.53 -4.05 -5.38
CA PHE A 181 -10.47 -4.14 -4.29
C PHE A 181 -9.84 -3.47 -3.09
N LEU A 182 -10.65 -3.17 -2.08
CA LEU A 182 -10.18 -2.57 -0.85
C LEU A 182 -11.25 -2.75 0.21
N TYR A 183 -10.90 -2.50 1.46
CA TYR A 183 -11.86 -2.61 2.53
C TYR A 183 -11.74 -1.33 3.34
N SER A 184 -12.83 -0.93 3.97
CA SER A 184 -12.80 0.23 4.84
C SER A 184 -13.30 -0.25 6.19
N LYS A 185 -12.68 0.22 7.25
CA LYS A 185 -13.08 -0.18 8.60
C LYS A 185 -13.58 0.99 9.43
N LEU A 186 -14.85 0.91 9.82
CA LEU A 186 -15.44 1.95 10.66
C LEU A 186 -15.53 1.39 12.08
N THR A 187 -14.96 2.11 13.03
CA THR A 187 -14.99 1.68 14.43
C THR A 187 -15.98 2.51 15.23
N VAL A 188 -16.88 1.82 15.92
CA VAL A 188 -17.89 2.50 16.74
C VAL A 188 -18.08 1.81 18.08
N ASP A 189 -18.73 2.50 19.00
CA ASP A 189 -19.00 1.97 20.33
C ASP A 189 -19.94 0.78 20.14
N LYS A 190 -19.73 -0.29 20.91
CA LYS A 190 -20.58 -1.46 20.81
C LYS A 190 -22.03 -1.05 21.05
N SER A 191 -22.22 -0.08 21.94
CA SER A 191 -23.54 0.42 22.26
C SER A 191 -24.24 1.01 21.04
N ARG A 192 -23.61 1.98 20.38
CA ARG A 192 -24.20 2.60 19.19
C ARG A 192 -24.64 1.58 18.15
N TRP A 193 -23.98 0.42 18.15
CA TRP A 193 -24.31 -0.62 17.18
C TRP A 193 -25.55 -1.42 17.56
N GLN A 194 -25.49 -2.16 18.66
CA GLN A 194 -26.64 -2.95 19.05
C GLN A 194 -27.86 -2.09 19.35
N GLN A 195 -27.66 -0.79 19.56
CA GLN A 195 -28.79 0.09 19.82
C GLN A 195 -29.66 0.18 18.58
N GLY A 196 -29.08 -0.10 17.41
CA GLY A 196 -29.83 -0.08 16.18
C GLY A 196 -29.43 0.99 15.17
N ASN A 197 -28.53 1.88 15.57
CA ASN A 197 -28.11 2.93 14.66
C ASN A 197 -27.70 2.35 13.29
N VAL A 198 -27.94 3.14 12.24
CA VAL A 198 -27.62 2.74 10.86
C VAL A 198 -26.39 3.48 10.34
N PHE A 199 -25.51 2.75 9.68
CA PHE A 199 -24.29 3.34 9.11
C PHE A 199 -24.23 3.04 7.62
N SER A 200 -23.43 3.79 6.89
CA SER A 200 -23.30 3.54 5.47
C SER A 200 -21.99 4.04 4.92
N CYS A 201 -21.36 3.28 4.03
CA CYS A 201 -20.13 3.77 3.43
C CYS A 201 -20.51 4.30 2.06
N SER A 202 -19.98 5.45 1.74
CA SER A 202 -20.21 6.07 0.47
C SER A 202 -19.00 5.74 -0.36
N VAL A 203 -19.23 5.45 -1.63
CA VAL A 203 -18.14 5.14 -2.51
C VAL A 203 -18.28 5.95 -3.78
N MET A 204 -17.21 6.65 -4.15
CA MET A 204 -17.22 7.47 -5.35
C MET A 204 -16.24 6.88 -6.36
N HIS A 205 -16.74 6.57 -7.54
CA HIS A 205 -15.91 6.00 -8.59
C HIS A 205 -16.52 6.42 -9.92
N GLU A 206 -15.70 6.65 -10.93
CA GLU A 206 -16.20 7.09 -12.22
C GLU A 206 -17.17 6.10 -12.87
N ALA A 207 -17.02 4.83 -12.54
CA ALA A 207 -17.85 3.78 -13.12
C ALA A 207 -19.17 3.56 -12.39
N LEU A 208 -19.49 4.45 -11.45
CA LEU A 208 -20.77 4.36 -10.74
C LEU A 208 -21.73 5.31 -11.44
N HIS A 209 -23.03 5.00 -11.39
CA HIS A 209 -24.02 5.85 -12.08
C HIS A 209 -23.71 7.34 -11.97
N ASN A 210 -23.92 7.94 -10.81
CA ASN A 210 -23.59 9.36 -10.69
C ASN A 210 -22.26 9.47 -9.98
N HIS A 211 -21.35 8.55 -10.26
CA HIS A 211 -20.04 8.54 -9.62
C HIS A 211 -20.20 8.40 -8.11
N TYR A 212 -21.31 7.82 -7.68
CA TYR A 212 -21.53 7.70 -6.26
C TYR A 212 -22.58 6.67 -5.92
N THR A 213 -22.28 5.85 -4.92
CA THR A 213 -23.24 4.87 -4.47
C THR A 213 -23.15 4.84 -2.95
N GLN A 214 -24.07 4.14 -2.30
CA GLN A 214 -24.10 4.12 -0.85
C GLN A 214 -24.82 2.89 -0.33
N LYS A 215 -24.18 2.15 0.56
CA LYS A 215 -24.76 0.94 1.11
C LYS A 215 -24.94 1.11 2.61
N SER A 216 -26.09 0.69 3.12
CA SER A 216 -26.38 0.82 4.54
C SER A 216 -26.00 -0.39 5.36
N LEU A 217 -25.70 -0.15 6.64
CA LEU A 217 -25.30 -1.20 7.56
C LEU A 217 -25.99 -1.00 8.90
N SER A 218 -26.52 -2.08 9.45
CA SER A 218 -27.18 -2.04 10.77
C SER A 218 -27.61 -3.44 11.16
N LEU A 219 -27.75 -3.65 12.47
CA LEU A 219 -28.18 -4.93 13.04
C LEU A 219 -29.71 -5.02 12.99
N SER A 220 -30.24 -6.23 13.11
CA SER A 220 -31.70 -6.42 13.10
C SER A 220 -32.10 -7.80 13.59
N PRO A 221 -33.33 -8.06 13.74
N PRO B 14 25.20 3.01 -8.12
CA PRO B 14 25.89 2.48 -6.92
C PRO B 14 25.01 2.68 -5.67
N SER B 15 23.71 2.43 -5.82
CA SER B 15 22.75 2.59 -4.71
C SER B 15 22.56 1.29 -3.94
N VAL B 16 22.44 1.43 -2.61
CA VAL B 16 22.25 0.29 -1.71
C VAL B 16 20.85 0.24 -1.09
N PHE B 17 20.24 -0.93 -1.07
CA PHE B 17 18.91 -1.10 -0.48
C PHE B 17 18.91 -2.32 0.42
N LEU B 18 18.66 -2.11 1.71
CA LEU B 18 18.62 -3.18 2.71
C LEU B 18 17.19 -3.65 2.94
N PHE B 19 16.97 -4.96 2.88
CA PHE B 19 15.64 -5.51 3.10
C PHE B 19 15.63 -6.45 4.31
N PRO B 20 14.51 -6.47 5.04
CA PRO B 20 14.35 -7.31 6.23
C PRO B 20 13.85 -8.70 5.84
N PRO B 21 13.94 -9.67 6.76
CA PRO B 21 13.47 -11.01 6.46
C PRO B 21 11.96 -11.09 6.28
N LYS B 22 11.52 -12.15 5.62
CA LYS B 22 10.10 -12.38 5.42
C LYS B 22 9.51 -12.63 6.80
N PRO B 23 8.36 -11.99 7.11
CA PRO B 23 7.74 -12.18 8.42
C PRO B 23 7.67 -13.66 8.82
N LYS B 24 7.26 -14.48 7.88
CA LYS B 24 7.10 -15.91 8.08
C LYS B 24 8.41 -16.66 8.40
N ASP B 25 9.50 -16.23 7.79
CA ASP B 25 10.79 -16.89 8.02
C ASP B 25 11.30 -16.73 9.44
N THR B 26 10.99 -15.62 10.09
CA THR B 26 11.46 -15.38 11.45
C THR B 26 10.55 -15.95 12.53
N LEU B 27 9.32 -16.28 12.16
CA LEU B 27 8.35 -16.82 13.12
C LEU B 27 8.37 -18.34 13.25
N MET B 28 8.96 -19.03 12.29
CA MET B 28 9.04 -20.50 12.33
C MET B 28 10.49 -20.94 12.29
N ILE B 29 10.97 -21.55 13.37
CA ILE B 29 12.36 -22.02 13.46
C ILE B 29 12.80 -22.83 12.25
N SER B 30 11.85 -23.57 11.68
CA SER B 30 12.14 -24.41 10.52
C SER B 30 12.58 -23.62 9.28
N ARG B 31 12.12 -22.38 9.14
CA ARG B 31 12.49 -21.59 7.96
C ARG B 31 13.82 -20.89 8.18
N THR B 32 14.32 -20.24 7.14
CA THR B 32 15.58 -19.52 7.22
C THR B 32 15.37 -18.02 6.96
N PRO B 33 15.39 -17.21 8.03
CA PRO B 33 15.21 -15.76 7.86
C PRO B 33 16.50 -15.12 7.37
N GLU B 34 16.37 -14.14 6.49
CA GLU B 34 17.54 -13.47 5.98
C GLU B 34 17.36 -11.99 5.68
N VAL B 35 18.44 -11.24 5.85
CA VAL B 35 18.48 -9.82 5.57
C VAL B 35 19.23 -9.75 4.25
N THR B 36 18.70 -9.00 3.29
CA THR B 36 19.35 -8.90 1.98
C THR B 36 19.77 -7.49 1.56
N CYS B 37 21.05 -7.35 1.22
CA CYS B 37 21.63 -6.07 0.82
C CYS B 37 21.79 -5.99 -0.71
N VAL B 38 20.87 -5.28 -1.36
CA VAL B 38 20.90 -5.12 -2.80
C VAL B 38 21.72 -3.91 -3.23
N VAL B 39 22.41 -4.03 -4.36
CA VAL B 39 23.23 -2.94 -4.87
C VAL B 39 22.92 -2.72 -6.35
N VAL B 40 22.22 -1.65 -6.65
CA VAL B 40 21.87 -1.33 -8.03
C VAL B 40 22.84 -0.36 -8.70
N ASP B 41 22.58 -0.10 -9.97
CA ASP B 41 23.39 0.80 -10.77
C ASP B 41 24.88 0.57 -10.59
N VAL B 42 25.28 -0.70 -10.69
CA VAL B 42 26.69 -1.05 -10.57
C VAL B 42 27.29 -0.77 -11.94
N SER B 43 28.37 0.01 -11.96
CA SER B 43 29.04 0.37 -13.20
C SER B 43 29.49 -0.84 -14.02
N HIS B 44 29.03 -0.93 -15.26
CA HIS B 44 29.42 -2.04 -16.14
C HIS B 44 30.94 -2.15 -16.18
N GLU B 45 31.60 -1.05 -15.85
CA GLU B 45 33.06 -0.97 -15.83
C GLU B 45 33.67 -1.59 -14.58
N ASP B 46 33.22 -1.13 -13.41
CA ASP B 46 33.76 -1.63 -12.15
C ASP B 46 32.82 -2.33 -11.18
N PRO B 47 32.40 -3.57 -11.49
CA PRO B 47 31.51 -4.26 -10.56
C PRO B 47 32.25 -4.45 -9.24
N GLN B 48 32.90 -5.61 -9.08
CA GLN B 48 33.66 -5.94 -7.87
C GLN B 48 33.10 -5.27 -6.63
N VAL B 49 32.03 -5.82 -6.07
CA VAL B 49 31.44 -5.24 -4.86
C VAL B 49 31.87 -6.02 -3.62
N LYS B 50 32.36 -5.30 -2.61
CA LYS B 50 32.80 -5.91 -1.36
C LYS B 50 31.85 -5.56 -0.22
N PHE B 51 31.20 -6.58 0.34
CA PHE B 51 30.27 -6.38 1.44
C PHE B 51 30.92 -6.53 2.82
N ASN B 52 30.24 -5.96 3.82
CA ASN B 52 30.65 -6.02 5.23
C ASN B 52 29.37 -5.97 6.05
N TRP B 53 29.16 -6.96 6.90
CA TRP B 53 27.97 -7.01 7.74
C TRP B 53 28.29 -6.94 9.22
N TYR B 54 27.41 -6.28 9.96
CA TYR B 54 27.58 -6.15 11.40
C TYR B 54 26.23 -6.35 12.08
N VAL B 55 26.23 -7.11 13.17
CA VAL B 55 25.01 -7.36 13.93
C VAL B 55 25.23 -6.75 15.30
N ASP B 56 24.66 -5.56 15.52
CA ASP B 56 24.85 -4.87 16.80
C ASP B 56 26.30 -4.39 16.88
N GLY B 57 26.89 -4.15 15.71
CA GLY B 57 28.26 -3.65 15.67
C GLY B 57 29.33 -4.67 15.32
N VAL B 58 29.22 -5.87 15.90
CA VAL B 58 30.21 -6.92 15.67
C VAL B 58 30.10 -7.62 14.31
N GLN B 59 31.23 -8.18 13.88
CA GLN B 59 31.44 -8.92 12.63
C GLN B 59 32.38 -8.14 11.70
N VAL B 60 32.54 -8.62 10.46
CA VAL B 60 33.44 -8.06 9.44
C VAL B 60 34.57 -9.06 9.21
N HIS B 61 35.06 -9.68 10.28
CA HIS B 61 36.08 -10.71 10.06
C HIS B 61 35.22 -11.93 9.72
N ASN B 62 34.14 -11.59 9.01
CA ASN B 62 33.11 -12.51 8.53
C ASN B 62 32.44 -13.46 9.51
N ALA B 63 31.29 -13.98 9.11
CA ALA B 63 30.52 -14.89 9.94
C ALA B 63 29.47 -15.69 9.17
N LYS B 64 28.98 -15.17 8.04
CA LYS B 64 27.98 -15.91 7.27
C LYS B 64 27.45 -15.25 5.98
N THR B 65 28.09 -14.19 5.51
CA THR B 65 27.63 -13.50 4.31
C THR B 65 27.75 -14.36 3.04
N LYS B 66 27.13 -13.92 1.96
CA LYS B 66 27.19 -14.67 0.70
C LYS B 66 26.53 -13.96 -0.48
N PRO B 67 27.33 -13.23 -1.30
CA PRO B 67 26.84 -12.50 -2.48
C PRO B 67 26.60 -13.43 -3.67
N ARG B 68 26.01 -12.91 -4.75
CA ARG B 68 25.71 -13.74 -5.91
C ARG B 68 25.13 -13.03 -7.14
N GLU B 69 25.30 -13.66 -8.29
CA GLU B 69 24.77 -13.15 -9.57
C GLU B 69 25.00 -11.67 -9.86
N GLN B 70 24.55 -11.22 -11.03
CA GLN B 70 24.68 -9.82 -11.44
C GLN B 70 23.74 -9.40 -12.58
N GLN B 71 24.28 -8.53 -13.44
CA GLN B 71 23.64 -7.94 -14.63
C GLN B 71 22.16 -7.58 -14.58
N TYR B 72 21.80 -6.54 -15.33
CA TYR B 72 20.43 -6.04 -15.40
C TYR B 72 20.16 -5.28 -16.70
N ASN B 73 19.16 -4.40 -16.70
CA ASN B 73 18.78 -3.62 -17.89
C ASN B 73 19.98 -3.11 -18.68
N SER B 74 20.77 -2.25 -18.07
CA SER B 74 21.96 -1.67 -18.70
C SER B 74 23.11 -1.59 -17.70
N THR B 75 22.84 -2.06 -16.48
CA THR B 75 23.83 -2.04 -15.41
C THR B 75 23.80 -3.35 -14.65
N TYR B 76 24.68 -3.49 -13.66
CA TYR B 76 24.75 -4.70 -12.84
C TYR B 76 24.01 -4.53 -11.51
N ARG B 77 23.50 -5.63 -10.98
CA ARG B 77 22.80 -5.63 -9.71
C ARG B 77 23.35 -6.75 -8.82
N VAL B 78 24.14 -6.37 -7.82
CA VAL B 78 24.72 -7.35 -6.91
C VAL B 78 23.88 -7.47 -5.64
N VAL B 79 23.70 -8.69 -5.16
CA VAL B 79 22.91 -8.92 -3.95
C VAL B 79 23.58 -9.84 -2.95
N SER B 80 23.73 -9.37 -1.71
CA SER B 80 24.33 -10.16 -0.64
C SER B 80 23.26 -10.60 0.35
N VAL B 81 23.27 -11.88 0.73
CA VAL B 81 22.27 -12.39 1.65
C VAL B 81 22.87 -12.86 2.95
N LEU B 82 22.30 -12.43 4.06
CA LEU B 82 22.81 -12.81 5.37
C LEU B 82 21.75 -13.54 6.17
N THR B 83 22.06 -14.76 6.60
CA THR B 83 21.13 -15.55 7.39
C THR B 83 21.16 -15.02 8.81
N VAL B 84 19.98 -14.90 9.40
CA VAL B 84 19.86 -14.37 10.74
C VAL B 84 19.27 -15.35 11.73
N LEU B 85 19.63 -15.19 13.00
CA LEU B 85 19.08 -16.03 14.05
C LEU B 85 17.72 -15.43 14.38
N HIS B 86 16.67 -16.23 14.20
CA HIS B 86 15.31 -15.78 14.46
C HIS B 86 15.27 -14.91 15.72
N GLN B 87 15.84 -15.42 16.81
CA GLN B 87 15.84 -14.69 18.07
C GLN B 87 16.52 -13.33 17.96
N ASN B 88 17.65 -13.25 17.25
CA ASN B 88 18.36 -11.99 17.10
C ASN B 88 17.49 -10.93 16.43
N TRP B 89 16.69 -11.34 15.46
CA TRP B 89 15.84 -10.40 14.76
C TRP B 89 14.66 -9.95 15.62
N LEU B 90 14.07 -10.88 16.37
CA LEU B 90 12.94 -10.51 17.21
C LEU B 90 13.37 -9.65 18.39
N ASP B 91 14.58 -9.90 18.91
CA ASP B 91 15.14 -9.15 20.03
C ASP B 91 15.51 -7.73 19.63
N GLY B 92 15.31 -7.38 18.37
CA GLY B 92 15.60 -6.04 17.93
C GLY B 92 17.03 -5.72 17.57
N LYS B 93 17.85 -6.72 17.32
CA LYS B 93 19.24 -6.46 16.95
C LYS B 93 19.28 -5.72 15.61
N GLU B 94 20.24 -4.82 15.46
CA GLU B 94 20.37 -4.04 14.25
C GLU B 94 21.37 -4.67 13.27
N TYR B 95 20.99 -4.73 12.01
CA TYR B 95 21.85 -5.31 10.98
C TYR B 95 22.36 -4.23 10.05
N LYS B 96 23.68 -4.20 9.91
CA LYS B 96 24.37 -3.19 9.10
C LYS B 96 25.14 -3.75 7.91
N CYS B 97 24.83 -3.22 6.72
CA CYS B 97 25.49 -3.61 5.48
C CYS B 97 26.37 -2.49 4.94
N LYS B 98 27.68 -2.75 4.89
CA LYS B 98 28.64 -1.79 4.38
C LYS B 98 29.02 -2.19 2.96
N VAL B 99 28.80 -1.31 2.00
CA VAL B 99 29.11 -1.61 0.60
C VAL B 99 30.27 -0.76 0.09
N SER B 100 31.24 -1.42 -0.54
CA SER B 100 32.43 -0.74 -1.07
C SER B 100 32.59 -0.95 -2.58
N ASN B 101 32.95 0.12 -3.27
CA ASN B 101 33.16 0.07 -4.72
C ASN B 101 34.05 1.22 -5.17
N LYS B 102 35.04 0.93 -6.01
CA LYS B 102 35.95 1.95 -6.51
C LYS B 102 35.21 3.17 -7.06
N ALA B 103 34.16 2.92 -7.85
CA ALA B 103 33.36 3.98 -8.45
C ALA B 103 32.44 4.64 -7.43
N LEU B 104 32.75 4.44 -6.16
CA LEU B 104 31.98 5.00 -5.06
C LEU B 104 32.95 5.65 -4.09
N PRO B 105 32.90 6.99 -3.98
CA PRO B 105 33.78 7.74 -3.08
C PRO B 105 34.02 7.03 -1.75
N ALA B 106 33.04 7.08 -0.86
CA ALA B 106 33.15 6.42 0.44
C ALA B 106 32.21 5.23 0.53
N PRO B 107 32.44 4.32 1.50
CA PRO B 107 31.60 3.14 1.65
C PRO B 107 30.20 3.44 2.20
N ILE B 108 29.18 3.22 1.35
CA ILE B 108 27.79 3.45 1.74
C ILE B 108 27.33 2.43 2.76
N GLU B 109 26.83 2.90 3.90
CA GLU B 109 26.34 2.00 4.94
C GLU B 109 24.82 2.11 5.09
N LYS B 110 24.19 1.00 5.45
CA LYS B 110 22.74 0.94 5.64
C LYS B 110 22.40 0.02 6.81
N THR B 111 21.60 0.51 7.75
CA THR B 111 21.20 -0.29 8.91
C THR B 111 19.73 -0.65 8.85
N ILE B 112 19.38 -1.76 9.50
CA ILE B 112 18.00 -2.22 9.48
C ILE B 112 17.71 -3.09 10.71
N SER B 113 16.51 -2.96 11.25
CA SER B 113 16.12 -3.74 12.42
C SER B 113 14.60 -3.76 12.51
N LYS B 114 14.04 -4.67 13.28
CA LYS B 114 12.59 -4.71 13.35
C LYS B 114 12.04 -3.52 14.11
N ALA B 115 10.85 -3.08 13.74
CA ALA B 115 10.19 -1.95 14.38
C ALA B 115 10.22 -2.14 15.91
N LYS B 116 10.47 -1.05 16.62
CA LYS B 116 10.54 -1.08 18.07
C LYS B 116 9.15 -0.82 18.68
N GLY B 117 8.93 -1.36 19.87
CA GLY B 117 7.65 -1.18 20.52
C GLY B 117 7.08 -2.50 21.02
N GLN B 118 6.28 -2.42 22.08
CA GLN B 118 5.63 -3.58 22.70
C GLN B 118 4.81 -4.38 21.68
N PRO B 119 5.20 -5.63 21.42
CA PRO B 119 4.41 -6.42 20.46
C PRO B 119 2.98 -6.54 20.95
N ARG B 120 2.03 -6.53 20.01
CA ARG B 120 0.62 -6.64 20.35
C ARG B 120 -0.05 -7.76 19.56
N GLU B 121 -0.80 -8.57 20.28
CA GLU B 121 -1.50 -9.71 19.71
C GLU B 121 -2.60 -9.35 18.74
N PRO B 122 -2.57 -9.93 17.53
CA PRO B 122 -3.64 -9.62 16.59
C PRO B 122 -4.95 -10.31 16.90
N GLN B 123 -6.05 -9.59 16.72
CA GLN B 123 -7.37 -10.17 16.91
C GLN B 123 -7.73 -10.65 15.52
N VAL B 124 -8.16 -11.90 15.39
CA VAL B 124 -8.53 -12.44 14.09
C VAL B 124 -10.02 -12.76 14.07
N TYR B 125 -10.73 -12.24 13.07
CA TYR B 125 -12.18 -12.46 12.91
C TYR B 125 -12.53 -12.77 11.46
N THR B 126 -13.33 -13.80 11.24
CA THR B 126 -13.72 -14.17 9.91
C THR B 126 -15.12 -13.60 9.70
N LEU B 127 -15.37 -13.07 8.50
CA LEU B 127 -16.66 -12.47 8.17
C LEU B 127 -17.24 -13.16 6.95
N PRO B 128 -18.49 -13.62 7.06
CA PRO B 128 -19.17 -14.30 5.95
C PRO B 128 -19.46 -13.35 4.80
N PRO B 129 -19.71 -13.89 3.59
CA PRO B 129 -20.02 -13.09 2.40
C PRO B 129 -21.32 -12.34 2.67
N SER B 130 -21.44 -11.15 2.10
CA SER B 130 -22.64 -10.32 2.25
C SER B 130 -23.81 -11.00 1.53
N ARG B 131 -25.03 -10.80 2.03
CA ARG B 131 -26.19 -11.39 1.38
C ARG B 131 -26.23 -10.90 -0.07
N GLU B 132 -25.94 -9.63 -0.26
CA GLU B 132 -25.95 -9.04 -1.59
C GLU B 132 -24.99 -9.71 -2.56
N GLU B 133 -23.88 -10.25 -2.07
CA GLU B 133 -22.93 -10.89 -2.97
C GLU B 133 -23.36 -12.32 -3.29
N MET B 134 -24.31 -12.84 -2.53
CA MET B 134 -24.80 -14.20 -2.73
C MET B 134 -25.38 -14.39 -4.13
N THR B 135 -25.36 -13.33 -4.93
CA THR B 135 -25.89 -13.37 -6.28
C THR B 135 -24.85 -13.72 -7.35
N LYS B 136 -23.56 -13.55 -7.03
CA LYS B 136 -22.51 -13.84 -8.00
C LYS B 136 -22.15 -15.33 -8.00
N ASN B 137 -21.39 -15.75 -9.00
CA ASN B 137 -20.99 -17.16 -9.08
C ASN B 137 -19.91 -17.43 -8.04
N GLN B 138 -19.15 -16.39 -7.71
CA GLN B 138 -18.09 -16.48 -6.72
C GLN B 138 -18.37 -15.54 -5.56
N VAL B 139 -17.93 -15.96 -4.36
CA VAL B 139 -18.15 -15.16 -3.16
C VAL B 139 -16.85 -14.85 -2.43
N SER B 140 -16.91 -13.82 -1.58
CA SER B 140 -15.75 -13.38 -0.83
C SER B 140 -15.81 -13.74 0.64
N LEU B 141 -14.81 -14.49 1.11
CA LEU B 141 -14.73 -14.85 2.51
C LEU B 141 -13.71 -13.87 3.07
N THR B 142 -14.11 -13.14 4.10
CA THR B 142 -13.24 -12.11 4.67
C THR B 142 -12.62 -12.39 6.03
N CYS B 143 -11.32 -12.12 6.11
CA CYS B 143 -10.57 -12.29 7.34
C CYS B 143 -10.03 -10.94 7.79
N LEU B 144 -10.56 -10.43 8.90
CA LEU B 144 -10.12 -9.17 9.46
C LEU B 144 -9.12 -9.46 10.56
N VAL B 145 -7.96 -8.82 10.48
CA VAL B 145 -6.90 -9.00 11.47
C VAL B 145 -6.52 -7.61 11.93
N LYS B 146 -6.79 -7.29 13.19
CA LYS B 146 -6.49 -5.95 13.69
C LYS B 146 -5.86 -5.94 15.07
N GLY B 147 -5.36 -4.77 15.47
CA GLY B 147 -4.74 -4.61 16.76
C GLY B 147 -3.34 -5.19 16.94
N PHE B 148 -2.65 -5.52 15.86
CA PHE B 148 -1.32 -6.11 16.00
C PHE B 148 -0.17 -5.15 15.80
N TYR B 149 0.98 -5.53 16.35
CA TYR B 149 2.21 -4.76 16.25
C TYR B 149 3.37 -5.67 16.62
N PRO B 150 4.50 -5.57 15.90
CA PRO B 150 4.72 -4.66 14.76
C PRO B 150 3.93 -5.12 13.53
N SER B 151 4.12 -4.43 12.40
CA SER B 151 3.37 -4.76 11.19
C SER B 151 3.75 -6.07 10.48
N ASP B 152 4.86 -6.69 10.86
CA ASP B 152 5.27 -7.95 10.24
C ASP B 152 4.24 -9.03 10.57
N ILE B 153 3.63 -9.59 9.54
CA ILE B 153 2.60 -10.60 9.73
C ILE B 153 2.47 -11.39 8.45
N ALA B 154 1.94 -12.60 8.54
CA ALA B 154 1.74 -13.43 7.36
C ALA B 154 0.35 -14.02 7.50
N VAL B 155 -0.43 -13.95 6.43
CA VAL B 155 -1.80 -14.48 6.46
C VAL B 155 -1.98 -15.49 5.33
N GLU B 156 -2.71 -16.56 5.61
CA GLU B 156 -2.93 -17.60 4.59
C GLU B 156 -4.28 -18.26 4.77
N TRP B 157 -4.81 -18.82 3.68
CA TRP B 157 -6.11 -19.48 3.70
C TRP B 157 -6.02 -20.96 3.34
N GLU B 158 -6.84 -21.77 3.99
CA GLU B 158 -6.88 -23.20 3.73
C GLU B 158 -8.30 -23.73 3.79
N SER B 159 -8.46 -24.95 3.28
CA SER B 159 -9.73 -25.67 3.31
C SER B 159 -9.39 -27.15 3.49
N ASN B 160 -10.00 -27.76 4.49
CA ASN B 160 -9.77 -29.17 4.81
C ASN B 160 -8.30 -29.54 4.64
N GLY B 161 -7.44 -28.86 5.40
CA GLY B 161 -6.02 -29.14 5.35
C GLY B 161 -5.25 -28.65 4.14
N GLN B 162 -5.93 -28.29 3.06
CA GLN B 162 -5.24 -27.83 1.85
C GLN B 162 -5.24 -26.32 1.64
N PRO B 163 -4.15 -25.78 1.09
CA PRO B 163 -4.00 -24.35 0.83
C PRO B 163 -4.83 -23.85 -0.35
N GLU B 164 -5.51 -22.72 -0.13
CA GLU B 164 -6.34 -22.08 -1.16
C GLU B 164 -5.46 -21.24 -2.06
N ASN B 165 -5.88 -21.09 -3.31
CA ASN B 165 -5.10 -20.35 -4.28
C ASN B 165 -5.60 -18.91 -4.51
N ASN B 166 -6.91 -18.77 -4.66
CA ASN B 166 -7.47 -17.46 -4.95
C ASN B 166 -7.81 -16.53 -3.79
N TYR B 167 -6.78 -15.97 -3.17
CA TYR B 167 -6.98 -15.02 -2.09
C TYR B 167 -5.96 -13.89 -2.20
N LYS B 168 -6.33 -12.73 -1.66
CA LYS B 168 -5.46 -11.56 -1.69
C LYS B 168 -5.51 -10.91 -0.33
N THR B 169 -4.36 -10.43 0.13
CA THR B 169 -4.27 -9.80 1.43
C THR B 169 -3.77 -8.35 1.31
N THR B 170 -4.54 -7.42 1.85
CA THR B 170 -4.15 -6.03 1.79
C THR B 170 -2.94 -5.84 2.69
N PRO B 171 -2.16 -4.78 2.44
CA PRO B 171 -1.00 -4.55 3.29
C PRO B 171 -1.45 -3.98 4.62
N PRO B 172 -0.57 -3.99 5.63
CA PRO B 172 -0.91 -3.47 6.96
C PRO B 172 -1.21 -1.96 6.90
N VAL B 173 -2.27 -1.54 7.58
CA VAL B 173 -2.66 -0.14 7.63
C VAL B 173 -2.58 0.32 9.07
N LEU B 174 -2.00 1.51 9.29
CA LEU B 174 -1.88 2.02 10.65
C LEU B 174 -3.26 2.42 11.18
N ASP B 175 -3.61 1.96 12.37
CA ASP B 175 -4.90 2.32 12.93
C ASP B 175 -4.77 3.51 13.85
N SER B 176 -5.90 4.11 14.22
CA SER B 176 -5.85 5.28 15.07
C SER B 176 -5.11 5.10 16.41
N ASP B 177 -5.15 3.90 16.98
CA ASP B 177 -4.49 3.66 18.26
C ASP B 177 -3.01 3.25 18.24
N GLY B 178 -2.37 3.35 17.06
CA GLY B 178 -0.96 3.00 16.96
C GLY B 178 -0.67 1.57 16.52
N SER B 179 -1.69 0.74 16.46
CA SER B 179 -1.54 -0.64 16.04
C SER B 179 -1.98 -0.79 14.58
N PHE B 180 -1.76 -1.97 14.00
CA PHE B 180 -2.10 -2.24 12.60
C PHE B 180 -3.26 -3.17 12.37
N PHE B 181 -3.76 -3.17 11.15
CA PHE B 181 -4.85 -4.05 10.79
C PHE B 181 -4.74 -4.31 9.30
N LEU B 182 -5.41 -5.36 8.84
CA LEU B 182 -5.45 -5.71 7.43
C LEU B 182 -6.66 -6.59 7.19
N TYR B 183 -7.03 -6.77 5.93
CA TYR B 183 -8.14 -7.65 5.59
C TYR B 183 -7.61 -8.64 4.57
N SER B 184 -8.02 -9.89 4.70
CA SER B 184 -7.61 -10.90 3.73
C SER B 184 -8.91 -11.36 3.09
N LYS B 185 -8.88 -11.54 1.77
CA LYS B 185 -10.06 -11.93 1.03
C LYS B 185 -9.85 -13.18 0.19
N LEU B 186 -10.66 -14.19 0.45
CA LEU B 186 -10.58 -15.45 -0.28
C LEU B 186 -11.80 -15.57 -1.16
N THR B 187 -11.56 -15.78 -2.46
CA THR B 187 -12.65 -15.91 -3.41
C THR B 187 -12.85 -17.40 -3.72
N VAL B 188 -14.09 -17.87 -3.62
CA VAL B 188 -14.39 -19.27 -3.90
C VAL B 188 -15.70 -19.40 -4.69
N ASP B 189 -15.84 -20.51 -5.40
CA ASP B 189 -17.07 -20.76 -6.16
C ASP B 189 -18.15 -20.74 -5.11
N LYS B 190 -19.28 -20.13 -5.41
CA LYS B 190 -20.38 -20.04 -4.45
C LYS B 190 -20.85 -21.41 -3.97
N SER B 191 -20.75 -22.41 -4.83
CA SER B 191 -21.18 -23.75 -4.48
C SER B 191 -20.37 -24.29 -3.30
N ARG B 192 -19.05 -24.12 -3.36
CA ARG B 192 -18.18 -24.58 -2.30
C ARG B 192 -18.56 -23.99 -0.95
N TRP B 193 -19.17 -22.80 -0.96
CA TRP B 193 -19.60 -22.16 0.26
C TRP B 193 -20.97 -22.67 0.67
N GLN B 194 -21.80 -22.97 -0.34
CA GLN B 194 -23.14 -23.47 -0.09
C GLN B 194 -23.06 -24.91 0.42
N GLN B 195 -22.14 -25.69 -0.14
CA GLN B 195 -21.97 -27.07 0.26
C GLN B 195 -21.51 -27.22 1.71
N GLY B 196 -21.32 -26.10 2.40
CA GLY B 196 -20.90 -26.14 3.79
C GLY B 196 -19.43 -26.35 4.10
N ASN B 197 -18.56 -26.37 3.09
CA ASN B 197 -17.13 -26.56 3.34
C ASN B 197 -16.59 -25.52 4.34
N VAL B 198 -15.61 -25.93 5.13
CA VAL B 198 -14.99 -25.08 6.13
C VAL B 198 -13.72 -24.43 5.60
N PHE B 199 -13.63 -23.11 5.74
CA PHE B 199 -12.45 -22.39 5.28
C PHE B 199 -11.76 -21.77 6.46
N SER B 200 -10.43 -21.74 6.40
CA SER B 200 -9.67 -21.22 7.51
C SER B 200 -8.65 -20.14 7.23
N CYS B 201 -8.68 -19.11 8.04
CA CYS B 201 -7.73 -18.01 7.94
C CYS B 201 -6.61 -18.27 8.93
N SER B 202 -5.41 -18.47 8.40
CA SER B 202 -4.23 -18.72 9.22
C SER B 202 -3.49 -17.39 9.40
N VAL B 203 -3.06 -17.10 10.62
CA VAL B 203 -2.32 -15.88 10.87
C VAL B 203 -1.04 -16.15 11.63
N MET B 204 0.06 -15.59 11.15
CA MET B 204 1.33 -15.77 11.81
C MET B 204 1.89 -14.43 12.26
N HIS B 205 2.12 -14.33 13.56
CA HIS B 205 2.64 -13.12 14.17
C HIS B 205 3.36 -13.49 15.45
N GLU B 206 4.40 -12.73 15.77
CA GLU B 206 5.20 -12.98 16.97
C GLU B 206 4.46 -12.89 18.30
N ALA B 207 3.40 -12.09 18.36
CA ALA B 207 2.66 -11.92 19.61
C ALA B 207 1.61 -13.01 19.87
N LEU B 208 1.52 -14.00 18.99
CA LEU B 208 0.56 -15.08 19.16
C LEU B 208 1.28 -16.27 19.77
N HIS B 209 0.57 -17.01 20.62
CA HIS B 209 1.15 -18.20 21.24
C HIS B 209 1.60 -19.11 20.09
N ASN B 210 2.85 -19.55 20.11
CA ASN B 210 3.40 -20.38 19.05
C ASN B 210 3.45 -19.63 17.71
N HIS B 211 3.29 -18.31 17.78
CA HIS B 211 3.35 -17.48 16.59
C HIS B 211 2.30 -17.89 15.56
N TYR B 212 1.21 -18.50 15.98
CA TYR B 212 0.20 -18.94 15.03
C TYR B 212 -1.19 -19.09 15.64
N THR B 213 -2.20 -18.81 14.83
CA THR B 213 -3.61 -18.92 15.23
C THR B 213 -4.44 -19.14 13.96
N GLN B 214 -5.55 -19.86 14.11
CA GLN B 214 -6.43 -20.17 12.98
C GLN B 214 -7.87 -19.82 13.32
N LYS B 215 -8.60 -19.32 12.35
CA LYS B 215 -10.01 -19.02 12.55
C LYS B 215 -10.77 -19.61 11.37
N SER B 216 -11.79 -20.40 11.71
CA SER B 216 -12.59 -21.09 10.71
C SER B 216 -13.87 -20.39 10.31
N LEU B 217 -14.28 -20.63 9.07
CA LEU B 217 -15.48 -20.04 8.51
C LEU B 217 -16.21 -21.10 7.71
N SER B 218 -17.53 -21.10 7.78
CA SER B 218 -18.39 -22.03 7.06
C SER B 218 -19.83 -21.52 7.21
N LEU B 219 -20.71 -21.95 6.31
CA LEU B 219 -22.10 -21.51 6.35
C LEU B 219 -22.89 -22.02 7.54
N SER B 220 -23.76 -21.26 8.04
C1 NAG C . 16.22 20.02 0.40
C2 NAG C . 16.31 18.49 0.36
C3 NAG C . 15.35 18.01 -0.74
C4 NAG C . 13.93 18.40 -0.33
C5 NAG C . 13.83 19.91 -0.06
C6 NAG C . 12.53 20.21 0.66
C7 NAG C . 18.22 18.05 -1.05
C8 NAG C . 19.45 17.19 -1.27
N2 NAG C . 17.67 18.05 0.16
O3 NAG C . 15.45 16.61 -0.91
O4 NAG C . 13.00 18.05 -1.39
O5 NAG C . 14.90 20.37 0.83
O6 NAG C . 12.72 20.01 2.07
O7 NAG C . 17.75 18.71 -1.98
C1 NAG C . 12.36 16.82 -1.28
C2 NAG C . 10.83 17.02 -1.44
C3 NAG C . 10.09 15.68 -1.56
C4 NAG C . 10.77 14.72 -2.55
C5 NAG C . 12.28 14.67 -2.31
C6 NAG C . 13.02 13.87 -3.36
C7 NAG C . 9.20 18.48 -0.40
C8 NAG C . 8.54 18.91 0.89
N2 NAG C . 10.32 17.76 -0.29
O3 NAG C . 8.75 15.91 -1.97
O4 NAG C . 10.22 13.39 -2.39
O5 NAG C . 12.84 16.00 -2.34
O6 NAG C . 14.37 13.64 -2.96
O7 NAG C . 8.71 18.80 -1.48
C1 BMA C . 9.21 13.01 -3.26
C2 BMA C . 9.43 11.55 -3.67
C3 BMA C . 8.22 11.01 -4.45
C4 BMA C . 6.92 11.27 -3.72
C5 BMA C . 6.81 12.74 -3.33
C6 BMA C . 5.59 12.97 -2.46
O2 BMA C . 9.65 10.76 -2.51
O3 BMA C . 8.35 9.60 -4.63
O4 BMA C . 5.83 10.92 -4.57
O5 BMA C . 7.96 13.14 -2.56
O6 BMA C . 5.47 14.37 -2.17
C1 MAN C . 8.38 9.16 -5.96
C2 MAN C . 7.99 7.68 -6.01
C3 MAN C . 9.07 6.84 -5.33
C4 MAN C . 10.44 7.11 -5.98
C5 MAN C . 10.75 8.62 -5.95
C6 MAN C . 12.00 8.96 -6.70
O2 MAN C . 7.85 7.28 -7.36
O3 MAN C . 8.74 5.46 -5.46
O4 MAN C . 11.45 6.40 -5.27
O5 MAN C . 9.66 9.36 -6.56
O6 MAN C . 12.62 10.12 -6.18
C1 MAN C . 4.28 14.67 -1.49
C2 MAN C . 4.04 16.17 -1.54
C3 MAN C . 5.11 16.90 -0.71
C4 MAN C . 5.13 16.35 0.71
C5 MAN C . 5.34 14.82 0.67
C6 MAN C . 5.25 14.18 2.04
O2 MAN C . 2.75 16.48 -1.06
O3 MAN C . 4.83 18.29 -0.68
O4 MAN C . 6.18 16.96 1.44
O5 MAN C . 4.31 14.21 -0.14
O6 MAN C . 5.51 12.79 1.97
C1 FUL C . 11.73 19.19 2.63
C2 FUL C . 10.77 20.04 3.47
O2 FUL C . 9.69 19.25 3.94
C3 FUL C . 11.51 20.68 4.67
O3 FUL C . 12.06 21.93 4.29
C4 FUL C . 12.63 19.76 5.18
O4 FUL C . 13.86 20.13 4.57
C5 FUL C . 12.32 18.31 4.85
C6 FUL C . 13.35 17.35 5.41
O5 FUL C . 12.29 18.11 3.41
C1 NAG D . 18.06 -0.68 -14.10
C2 NAG D . 17.79 0.79 -13.80
C3 NAG D . 17.85 0.98 -12.27
C4 NAG D . 16.87 0.02 -11.56
C5 NAG D . 17.03 -1.43 -12.06
C6 NAG D . 15.88 -2.32 -11.61
C7 NAG D . 19.77 2.20 -13.81
C8 NAG D . 19.57 3.61 -13.29
N2 NAG D . 18.74 1.65 -14.48
O3 NAG D . 17.53 2.32 -11.93
O4 NAG D . 17.11 0.06 -10.13
O5 NAG D . 17.04 -1.48 -13.51
O6 NAG D . 15.15 -2.78 -12.77
O7 NAG D . 20.82 1.60 -13.61
C1 NAG D . 16.03 0.38 -9.33
C2 NAG D . 15.76 -0.74 -8.31
C3 NAG D . 14.62 -0.32 -7.37
C4 NAG D . 14.92 1.04 -6.73
C5 NAG D . 15.24 2.07 -7.82
C6 NAG D . 15.65 3.42 -7.24
C7 NAG D . 15.55 -3.15 -8.36
C8 NAG D . 14.30 -3.97 -8.17
N2 NAG D . 15.42 -1.97 -8.98
O3 NAG D . 14.43 -1.30 -6.37
O4 NAG D . 13.79 1.47 -5.95
O5 NAG D . 16.33 1.61 -8.65
O6 NAG D . 16.95 3.80 -7.69
O7 NAG D . 16.64 -3.58 -7.96
C1 BMA D . 13.72 1.02 -4.64
C2 BMA D . 13.45 2.19 -3.71
C3 BMA D . 13.27 1.68 -2.26
C4 BMA D . 12.14 0.64 -2.24
C5 BMA D . 12.49 -0.47 -3.22
C6 BMA D . 11.44 -1.56 -3.30
O2 BMA D . 12.28 2.86 -4.14
O3 BMA D . 12.98 2.74 -1.33
O4 BMA D . 12.00 0.11 -0.93
O5 BMA D . 12.64 0.07 -4.56
O6 BMA D . 12.03 -2.74 -3.90
C1 BMA D . 12.77 4.02 -1.84
C2 BMA D . 11.96 4.86 -0.85
C3 BMA D . 11.67 6.23 -1.47
C4 BMA D . 12.97 6.89 -1.98
C5 BMA D . 13.76 5.93 -2.87
C6 BMA D . 15.13 6.46 -3.27
O2 BMA D . 12.69 5.03 0.35
O3 BMA D . 11.05 7.07 -0.51
O4 BMA D . 12.64 8.06 -2.73
O5 BMA D . 13.96 4.69 -2.18
O6 BMA D . 15.44 6.10 -4.61
C1 MAN D . 11.21 -3.85 -3.89
C2 MAN D . 12.04 -5.09 -4.28
C3 MAN D . 12.47 -4.95 -5.74
C4 MAN D . 11.24 -4.78 -6.64
C5 MAN D . 10.42 -3.58 -6.17
C6 MAN D . 9.11 -3.46 -6.93
O2 MAN D . 11.26 -6.27 -4.09
O3 MAN D . 13.21 -6.10 -6.15
O4 MAN D . 11.64 -4.59 -7.99
O5 MAN D . 10.08 -3.71 -4.76
O6 MAN D . 8.23 -2.54 -6.30
C1 FUL D . 13.90 -3.33 -12.45
C2 FUL D . 13.31 -4.00 -13.70
O2 FUL D . 12.19 -4.80 -13.34
C3 FUL D . 12.88 -2.95 -14.73
O3 FUL D . 14.02 -2.26 -15.21
C4 FUL D . 11.90 -1.96 -14.08
O4 FUL D . 11.58 -0.93 -15.00
C5 FUL D . 12.50 -1.34 -12.81
C6 FUL D . 13.62 -0.35 -13.04
O5 FUL D . 12.98 -2.37 -11.90
#